data_9FY5
#
_entry.id   9FY5
#
_cell.length_a   89.916
_cell.length_b   127.239
_cell.length_c   62.650
_cell.angle_alpha   90.000
_cell.angle_beta   90.000
_cell.angle_gamma   90.000
#
_symmetry.space_group_name_H-M   'C 2 2 21'
#
loop_
_entity.id
_entity.type
_entity.pdbx_description
1 polymer 'Monoglyceride lipase'
2 non-polymer (4aR,8aS)-6-[4-(diphenylmethyl)piperidin-1-yl]carbonyl-4,4a,5,7,8,8a-hexahydropyrido[4,3-b][1,4]oxazin-3-one
3 non-polymer 1,2-ETHANEDIOL
4 water water
#
_entity_poly.entity_id   1
_entity_poly.type   'polypeptide(L)'
_entity_poly.pdbx_seq_one_letter_code
;MGSSHHHHHHSSGENLYFQGMPEESSPRRTPQSIPYQDLPHLVNADGQYLFCRYWAPTGTPKALIFVSHGAGEHSGRYEE
LARMLMGLDLLVFAHDHVGHGQSEGERMVVSDFHVFVRDVLQHVDSMQKDYPGLPVFLLGHSMGGAIAILTAAERPGHFA
GMVLISPLVLANPESATTFKVLAAKVLNSVLPNLSSGPIDSSVLSRNKTEVDIYNSDPLICRAGLKVCFGIQLLNAVSRV
ERALPKLTVPFLLLQGSADRLCDSKGAYLLMELAKSQDKTLKIYEGAYHVLHKELPEVTNSVFHEINMWVSQRTATAGTA
SPP
;
_entity_poly.pdbx_strand_id   A
#
loop_
_chem_comp.id
_chem_comp.type
_chem_comp.name
_chem_comp.formula
A1IG3 non-polymer (4aR,8aS)-6-[4-(diphenylmethyl)piperidin-1-yl]carbonyl-4,4a,5,7,8,8a-hexahydropyrido[4,3-b][1,4]oxazin-3-one 'C26 H31 N3 O3'
EDO non-polymer 1,2-ETHANEDIOL 'C2 H6 O2'
#
# COMPACT_ATOMS: atom_id res chain seq x y z
N MET A 21 42.72 -2.32 17.19
CA MET A 21 41.70 -1.32 16.90
C MET A 21 40.47 -1.96 16.26
N PRO A 22 39.30 -1.73 16.84
CA PRO A 22 38.07 -2.26 16.25
C PRO A 22 37.75 -1.57 14.93
N GLU A 23 37.10 -2.30 14.04
CA GLU A 23 36.76 -1.80 12.71
C GLU A 23 35.26 -1.87 12.50
N GLU A 24 34.74 -0.93 11.73
CA GLU A 24 33.33 -0.94 11.40
C GLU A 24 33.01 -2.11 10.48
N SER A 25 31.89 -2.78 10.76
CA SER A 25 31.48 -3.93 9.97
C SER A 25 31.09 -3.51 8.56
N SER A 26 31.06 -4.49 7.66
CA SER A 26 30.74 -4.23 6.26
C SER A 26 29.37 -3.56 6.15
N PRO A 27 29.19 -2.71 5.14
CA PRO A 27 27.95 -1.91 5.07
C PRO A 27 26.71 -2.78 4.94
N ARG A 28 25.63 -2.35 5.58
CA ARG A 28 24.35 -3.02 5.41
C ARG A 28 23.89 -2.88 3.96
N ARG A 29 23.37 -3.96 3.40
CA ARG A 29 22.98 -4.03 2.00
C ARG A 29 21.53 -4.46 1.89
N THR A 30 20.90 -4.09 0.77
CA THR A 30 19.55 -4.54 0.47
C THR A 30 19.57 -6.04 0.23
N PRO A 31 18.39 -6.67 0.16
CA PRO A 31 18.36 -8.10 -0.23
C PRO A 31 18.95 -8.34 -1.60
N GLN A 32 19.08 -7.31 -2.42
CA GLN A 32 19.69 -7.40 -3.75
C GLN A 32 21.16 -7.01 -3.73
N SER A 33 21.76 -6.86 -2.54
CA SER A 33 23.19 -6.64 -2.34
C SER A 33 23.67 -5.23 -2.63
N ILE A 34 22.80 -4.23 -2.60
CA ILE A 34 23.20 -2.83 -2.80
C ILE A 34 23.39 -2.20 -1.42
N PRO A 35 24.51 -1.52 -1.16
CA PRO A 35 24.67 -0.86 0.14
C PRO A 35 23.60 0.20 0.37
N TYR A 36 22.99 0.19 1.56
CA TYR A 36 22.02 1.22 1.88
C TYR A 36 22.65 2.60 1.86
N GLN A 37 23.96 2.71 2.08
CA GLN A 37 24.59 4.02 2.02
C GLN A 37 24.52 4.63 0.63
N ASP A 38 24.25 3.83 -0.40
CA ASP A 38 24.13 4.31 -1.77
C ASP A 38 22.69 4.63 -2.16
N LEU A 39 21.73 4.55 -1.25
CA LEU A 39 20.32 4.66 -1.56
C LEU A 39 19.62 5.52 -0.52
N PRO A 40 18.54 6.22 -0.90
CA PRO A 40 17.71 6.86 0.12
C PRO A 40 17.11 5.78 1.02
N HIS A 41 17.12 6.04 2.33
CA HIS A 41 16.69 5.00 3.26
C HIS A 41 16.26 5.63 4.59
N LEU A 42 15.66 4.78 5.43
CA LEU A 42 15.24 5.12 6.78
CA LEU A 42 15.33 5.12 6.79
C LEU A 42 15.38 3.84 7.62
N VAL A 43 15.75 3.98 8.88
CA VAL A 43 15.81 2.83 9.78
C VAL A 43 14.57 2.84 10.67
N ASN A 44 13.82 1.74 10.66
CA ASN A 44 12.57 1.70 11.41
C ASN A 44 12.82 1.39 12.89
N ALA A 45 11.73 1.35 13.66
CA ALA A 45 11.83 1.16 15.11
C ALA A 45 12.41 -0.19 15.50
N ASP A 46 12.37 -1.17 14.61
CA ASP A 46 12.95 -2.48 14.83
C ASP A 46 14.39 -2.60 14.32
N GLY A 47 14.99 -1.48 13.91
CA GLY A 47 16.35 -1.52 13.41
C GLY A 47 16.51 -1.98 11.97
N GLN A 48 15.42 -2.01 11.22
CA GLN A 48 15.44 -2.52 9.85
C GLN A 48 15.50 -1.35 8.87
N TYR A 49 16.34 -1.49 7.85
CA TYR A 49 16.44 -0.46 6.82
C TYR A 49 15.29 -0.56 5.83
N LEU A 50 14.61 0.56 5.60
CA LEU A 50 13.62 0.67 4.54
C LEU A 50 14.17 1.50 3.40
N PHE A 51 14.02 0.99 2.18
CA PHE A 51 14.40 1.73 0.99
C PHE A 51 13.33 2.79 0.70
N CYS A 52 13.77 4.01 0.39
CA CYS A 52 12.88 5.15 0.20
C CYS A 52 13.00 5.74 -1.20
N ARG A 53 11.91 6.38 -1.66
CA ARG A 53 11.88 7.11 -2.91
C ARG A 53 11.24 8.48 -2.71
N TYR A 54 11.72 9.46 -3.46
CA TYR A 54 11.25 10.84 -3.38
C TYR A 54 11.10 11.41 -4.77
N TRP A 55 10.00 12.14 -4.98
CA TRP A 55 9.79 12.89 -6.22
C TRP A 55 9.34 14.29 -5.81
N ALA A 56 10.25 15.25 -5.86
CA ALA A 56 9.95 16.60 -5.41
C ALA A 56 9.90 17.57 -6.58
N PRO A 57 8.98 18.53 -6.57
CA PRO A 57 8.94 19.54 -7.63
C PRO A 57 10.07 20.55 -7.46
N THR A 58 10.26 21.35 -8.50
CA THR A 58 11.31 22.37 -8.47
C THR A 58 10.94 23.54 -7.57
N GLY A 59 9.65 23.86 -7.46
CA GLY A 59 9.21 24.93 -6.60
C GLY A 59 8.87 24.44 -5.20
N THR A 60 8.42 25.37 -4.37
CA THR A 60 7.97 25.00 -3.03
C THR A 60 6.75 24.09 -3.15
N PRO A 61 6.71 22.96 -2.43
CA PRO A 61 5.59 22.04 -2.59
C PRO A 61 4.32 22.64 -2.00
N LYS A 62 3.20 22.28 -2.63
CA LYS A 62 1.89 22.65 -2.08
C LYS A 62 1.48 21.71 -0.96
N ALA A 63 1.97 20.48 -0.97
CA ALA A 63 1.56 19.45 -0.02
C ALA A 63 2.51 18.29 -0.15
N LEU A 64 2.45 17.39 0.82
CA LEU A 64 3.18 16.12 0.78
C LEU A 64 2.20 14.99 0.57
N ILE A 65 2.65 13.92 -0.08
CA ILE A 65 1.81 12.74 -0.25
C ILE A 65 2.66 11.48 -0.16
N PHE A 66 2.27 10.58 0.73
CA PHE A 66 2.94 9.28 0.87
C PHE A 66 2.21 8.23 0.03
N VAL A 67 2.99 7.44 -0.70
CA VAL A 67 2.46 6.39 -1.57
C VAL A 67 2.76 5.03 -0.91
N SER A 68 1.70 4.25 -0.68
CA SER A 68 1.75 2.99 0.07
C SER A 68 1.41 1.84 -0.86
N HIS A 69 2.41 1.00 -1.17
CA HIS A 69 2.26 -0.10 -2.12
C HIS A 69 1.62 -1.33 -1.47
N GLY A 70 1.27 -2.30 -2.31
CA GLY A 70 0.56 -3.49 -1.87
C GLY A 70 1.45 -4.70 -1.62
N ALA A 71 0.78 -5.81 -1.32
CA ALA A 71 1.48 -7.03 -0.92
C ALA A 71 2.28 -7.60 -2.08
N GLY A 72 3.50 -8.05 -1.77
CA GLY A 72 4.39 -8.65 -2.74
C GLY A 72 5.03 -7.70 -3.73
N GLU A 73 4.58 -6.46 -3.83
CA GLU A 73 5.16 -5.55 -4.81
C GLU A 73 6.08 -4.54 -4.12
N HIS A 74 6.20 -3.34 -4.66
CA HIS A 74 7.19 -2.39 -4.18
C HIS A 74 6.89 -1.01 -4.76
N SER A 75 7.61 -0.01 -4.24
CA SER A 75 7.30 1.39 -4.55
C SER A 75 7.68 1.80 -5.98
N GLY A 76 8.60 1.08 -6.62
CA GLY A 76 8.96 1.42 -7.99
C GLY A 76 7.83 1.30 -8.98
N ARG A 77 6.78 0.56 -8.65
CA ARG A 77 5.63 0.41 -9.52
C ARG A 77 4.73 1.64 -9.53
N TYR A 78 5.05 2.66 -8.74
CA TYR A 78 4.27 3.89 -8.65
C TYR A 78 4.94 5.07 -9.35
N GLU A 79 5.97 4.79 -10.16
CA GLU A 79 6.74 5.85 -10.81
C GLU A 79 5.84 6.83 -11.57
N GLU A 80 4.95 6.30 -12.43
CA GLU A 80 4.13 7.19 -13.25
C GLU A 80 3.12 7.98 -12.42
N LEU A 81 2.44 7.32 -11.46
CA LEU A 81 1.55 8.06 -10.59
C LEU A 81 2.30 9.15 -9.83
N ALA A 82 3.48 8.81 -9.30
CA ALA A 82 4.24 9.79 -8.53
C ALA A 82 4.65 10.98 -9.38
N ARG A 83 5.09 10.72 -10.62
CA ARG A 83 5.46 11.84 -11.49
C ARG A 83 4.27 12.71 -11.85
N MET A 84 3.08 12.14 -11.97
CA MET A 84 1.90 12.97 -12.18
C MET A 84 1.65 13.86 -10.96
N LEU A 85 1.73 13.29 -9.76
CA LEU A 85 1.49 14.06 -8.54
C LEU A 85 2.55 15.13 -8.34
N MET A 86 3.82 14.80 -8.62
CA MET A 86 4.85 15.80 -8.56
CA MET A 86 4.87 15.80 -8.58
C MET A 86 4.60 16.94 -9.53
N GLY A 87 4.00 16.64 -10.69
CA GLY A 87 3.63 17.69 -11.63
C GLY A 87 2.53 18.61 -11.16
N LEU A 88 1.79 18.22 -10.12
CA LEU A 88 0.83 19.08 -9.45
C LEU A 88 1.45 19.88 -8.33
N ASP A 89 2.79 19.83 -8.21
CA ASP A 89 3.57 20.52 -7.18
C ASP A 89 3.44 19.90 -5.80
N LEU A 90 3.11 18.62 -5.72
CA LEU A 90 3.22 17.90 -4.47
C LEU A 90 4.58 17.22 -4.39
N LEU A 91 5.09 17.11 -3.16
CA LEU A 91 6.28 16.32 -2.91
C LEU A 91 5.83 14.91 -2.57
N VAL A 92 6.17 13.95 -3.43
CA VAL A 92 5.74 12.56 -3.28
C VAL A 92 6.86 11.78 -2.61
N PHE A 93 6.48 10.91 -1.68
CA PHE A 93 7.47 10.07 -1.01
C PHE A 93 6.88 8.70 -0.73
N ALA A 94 7.77 7.72 -0.62
CA ALA A 94 7.37 6.34 -0.47
C ALA A 94 8.50 5.57 0.16
N HIS A 95 8.17 4.39 0.67
CA HIS A 95 9.21 3.42 1.00
C HIS A 95 8.67 2.03 0.69
N ASP A 96 9.58 1.08 0.53
CA ASP A 96 9.19 -0.31 0.43
C ASP A 96 8.88 -0.83 1.84
N HIS A 97 7.69 -1.38 2.03
CA HIS A 97 7.33 -1.89 3.36
C HIS A 97 8.29 -3.01 3.74
N VAL A 98 8.42 -3.24 5.05
CA VAL A 98 9.29 -4.31 5.52
CA VAL A 98 9.25 -4.33 5.56
C VAL A 98 8.92 -5.61 4.81
N GLY A 99 9.95 -6.39 4.48
CA GLY A 99 9.73 -7.65 3.78
C GLY A 99 9.44 -7.52 2.31
N HIS A 100 9.56 -6.31 1.75
CA HIS A 100 9.20 -6.07 0.37
C HIS A 100 10.32 -5.34 -0.35
N GLY A 101 10.36 -5.52 -1.66
CA GLY A 101 11.25 -4.77 -2.53
C GLY A 101 12.69 -4.69 -2.04
N GLN A 102 13.18 -3.47 -1.89
CA GLN A 102 14.57 -3.23 -1.52
C GLN A 102 14.76 -2.98 -0.04
N SER A 103 13.70 -3.13 0.77
CA SER A 103 13.80 -3.02 2.20
C SER A 103 14.21 -4.35 2.81
N GLU A 104 14.65 -4.30 4.06
CA GLU A 104 15.06 -5.49 4.79
C GLU A 104 13.84 -6.27 5.25
N GLY A 105 14.09 -7.45 5.78
CA GLY A 105 13.11 -8.35 6.36
C GLY A 105 12.90 -9.59 5.50
N GLU A 106 12.59 -10.70 6.16
CA GLU A 106 12.22 -11.91 5.44
C GLU A 106 11.05 -11.58 4.52
N ARG A 107 11.05 -12.17 3.32
CA ARG A 107 10.09 -11.75 2.29
C ARG A 107 8.66 -12.08 2.71
N MET A 108 7.79 -11.06 2.63
CA MET A 108 6.37 -11.19 2.89
C MET A 108 6.09 -11.89 4.22
N VAL A 109 6.76 -11.44 5.26
N VAL A 109 6.75 -11.38 5.26
CA VAL A 109 6.35 -11.73 6.63
CA VAL A 109 6.56 -11.74 6.66
C VAL A 109 6.42 -10.44 7.42
C VAL A 109 6.48 -10.43 7.44
N VAL A 110 5.62 -10.40 8.47
CA VAL A 110 5.58 -9.24 9.36
C VAL A 110 5.14 -9.72 10.74
N SER A 111 5.81 -9.21 11.78
CA SER A 111 5.50 -9.67 13.13
C SER A 111 4.06 -9.34 13.51
N ASP A 112 3.61 -8.14 13.15
CA ASP A 112 2.22 -7.76 13.29
C ASP A 112 1.95 -6.72 12.22
N PHE A 113 0.72 -6.73 11.68
CA PHE A 113 0.39 -5.81 10.59
C PHE A 113 0.68 -4.35 10.98
N HIS A 114 0.58 -4.02 12.26
CA HIS A 114 0.77 -2.63 12.67
C HIS A 114 2.17 -2.12 12.38
N VAL A 115 3.16 -3.00 12.23
CA VAL A 115 4.49 -2.56 11.83
C VAL A 115 4.43 -1.68 10.59
N PHE A 116 3.61 -2.07 9.61
CA PHE A 116 3.51 -1.28 8.38
C PHE A 116 2.98 0.11 8.66
N VAL A 117 1.97 0.22 9.52
CA VAL A 117 1.38 1.52 9.87
C VAL A 117 2.38 2.36 10.64
N ARG A 118 3.02 1.76 11.64
CA ARG A 118 4.04 2.45 12.43
C ARG A 118 5.14 3.02 11.53
N ASP A 119 5.57 2.26 10.54
CA ASP A 119 6.66 2.72 9.68
C ASP A 119 6.22 3.84 8.75
N VAL A 120 4.99 3.78 8.22
CA VAL A 120 4.45 4.91 7.46
C VAL A 120 4.45 6.17 8.32
N LEU A 121 3.96 6.06 9.55
CA LEU A 121 3.90 7.23 10.42
C LEU A 121 5.30 7.78 10.73
N GLN A 122 6.29 6.89 10.91
CA GLN A 122 7.65 7.39 11.12
C GLN A 122 8.13 8.20 9.91
N HIS A 123 7.88 7.69 8.70
CA HIS A 123 8.33 8.40 7.51
C HIS A 123 7.59 9.73 7.35
N VAL A 124 6.27 9.72 7.57
CA VAL A 124 5.48 10.94 7.52
C VAL A 124 6.00 11.95 8.54
N ASP A 125 6.20 11.51 9.78
CA ASP A 125 6.68 12.41 10.82
C ASP A 125 8.05 13.00 10.45
N SER A 126 8.92 12.19 9.85
CA SER A 126 10.24 12.66 9.46
CA SER A 126 10.24 12.68 9.47
C SER A 126 10.15 13.72 8.37
N MET A 127 9.28 13.49 7.38
CA MET A 127 9.14 14.43 6.27
C MET A 127 8.51 15.74 6.74
N GLN A 128 7.57 15.68 7.67
CA GLN A 128 6.94 16.90 8.16
C GLN A 128 7.92 17.76 8.95
N LYS A 129 8.95 17.15 9.53
CA LYS A 129 10.01 17.94 10.15
C LYS A 129 10.74 18.78 9.10
N ASP A 130 10.99 18.21 7.93
CA ASP A 130 11.75 18.91 6.91
C ASP A 130 10.87 19.87 6.11
N TYR A 131 9.56 19.62 6.04
CA TYR A 131 8.61 20.46 5.33
C TYR A 131 7.46 20.77 6.28
N PRO A 132 7.69 21.61 7.28
CA PRO A 132 6.65 21.87 8.28
C PRO A 132 5.54 22.73 7.69
N GLY A 133 4.34 22.56 8.25
CA GLY A 133 3.20 23.34 7.82
C GLY A 133 2.51 22.86 6.56
N LEU A 134 3.05 21.85 5.89
CA LEU A 134 2.38 21.43 4.66
C LEU A 134 1.34 20.37 4.96
N PRO A 135 0.21 20.39 4.24
CA PRO A 135 -0.75 19.29 4.36
C PRO A 135 -0.12 18.01 3.86
N VAL A 136 -0.56 16.88 4.40
CA VAL A 136 -0.05 15.58 4.02
CA VAL A 136 -0.05 15.57 4.03
C VAL A 136 -1.22 14.68 3.61
N PHE A 137 -1.08 14.04 2.44
CA PHE A 137 -2.06 13.11 1.89
C PHE A 137 -1.46 11.71 1.93
N LEU A 138 -2.34 10.72 1.80
CA LEU A 138 -1.94 9.33 1.64
C LEU A 138 -2.53 8.79 0.35
N LEU A 139 -1.77 7.97 -0.36
CA LEU A 139 -2.29 7.21 -1.49
C LEU A 139 -1.92 5.75 -1.26
N GLY A 140 -2.90 4.86 -1.32
CA GLY A 140 -2.61 3.44 -1.10
C GLY A 140 -3.41 2.55 -2.02
N HIS A 141 -2.81 1.43 -2.39
CA HIS A 141 -3.45 0.44 -3.24
C HIS A 141 -3.44 -0.91 -2.53
N SER A 142 -4.60 -1.58 -2.50
CA SER A 142 -4.70 -2.99 -2.05
C SER A 142 -4.27 -3.09 -0.59
N MET A 143 -3.29 -3.95 -0.24
CA MET A 143 -2.79 -3.96 1.13
C MET A 143 -2.36 -2.57 1.56
N GLY A 144 -1.76 -1.83 0.63
CA GLY A 144 -1.33 -0.47 0.93
C GLY A 144 -2.49 0.46 1.23
N GLY A 145 -3.67 0.18 0.67
CA GLY A 145 -4.84 0.94 1.01
C GLY A 145 -5.35 0.64 2.41
N ALA A 146 -5.29 -0.63 2.82
CA ALA A 146 -5.58 -0.94 4.21
C ALA A 146 -4.61 -0.24 5.15
N ILE A 147 -3.32 -0.23 4.79
CA ILE A 147 -2.36 0.49 5.60
C ILE A 147 -2.72 1.97 5.68
N ALA A 148 -3.09 2.58 4.55
CA ALA A 148 -3.48 3.99 4.56
C ALA A 148 -4.68 4.25 5.46
N ILE A 149 -5.71 3.39 5.38
CA ILE A 149 -6.89 3.56 6.23
C ILE A 149 -6.51 3.51 7.70
N LEU A 150 -5.73 2.49 8.08
CA LEU A 150 -5.34 2.38 9.49
C LEU A 150 -4.44 3.53 9.92
N THR A 151 -3.60 4.02 9.01
CA THR A 151 -2.77 5.18 9.33
C THR A 151 -3.63 6.42 9.63
N ALA A 152 -4.61 6.68 8.76
CA ALA A 152 -5.48 7.84 8.97
C ALA A 152 -6.35 7.65 10.22
N ALA A 153 -6.81 6.41 10.48
CA ALA A 153 -7.66 6.21 11.64
C ALA A 153 -6.90 6.37 12.95
N GLU A 154 -5.59 6.11 12.93
CA GLU A 154 -4.78 6.28 14.13
C GLU A 154 -4.56 7.75 14.45
N ARG A 155 -4.61 8.63 13.45
CA ARG A 155 -4.37 10.07 13.63
C ARG A 155 -5.52 10.88 13.03
N PRO A 156 -6.71 10.80 13.62
CA PRO A 156 -7.83 11.59 13.08
C PRO A 156 -7.49 13.06 13.04
N GLY A 157 -7.83 13.71 11.93
CA GLY A 157 -7.58 15.12 11.75
C GLY A 157 -6.20 15.48 11.25
N HIS A 158 -5.28 14.53 11.17
CA HIS A 158 -3.91 14.83 10.81
C HIS A 158 -3.67 14.85 9.31
N PHE A 159 -4.39 14.04 8.54
CA PHE A 159 -4.15 13.94 7.10
C PHE A 159 -5.19 14.75 6.34
N ALA A 160 -4.75 15.37 5.23
CA ALA A 160 -5.64 16.22 4.46
C ALA A 160 -6.57 15.40 3.57
N GLY A 161 -6.16 14.21 3.18
CA GLY A 161 -6.95 13.40 2.28
C GLY A 161 -6.26 12.08 2.03
N MET A 162 -7.03 11.17 1.44
CA MET A 162 -6.55 9.83 1.16
CA MET A 162 -6.56 9.82 1.15
C MET A 162 -7.11 9.40 -0.20
N VAL A 163 -6.25 8.87 -1.06
CA VAL A 163 -6.63 8.29 -2.34
C VAL A 163 -6.47 6.78 -2.20
N LEU A 164 -7.54 6.03 -2.43
CA LEU A 164 -7.54 4.58 -2.25
C LEU A 164 -7.85 3.91 -3.57
N ILE A 165 -6.93 3.08 -4.04
CA ILE A 165 -7.09 2.32 -5.28
C ILE A 165 -7.30 0.87 -4.89
N SER A 166 -8.53 0.37 -5.05
CA SER A 166 -8.94 -0.98 -4.69
CA SER A 166 -8.93 -0.99 -4.69
C SER A 166 -8.32 -1.41 -3.34
N PRO A 167 -8.62 -0.66 -2.27
CA PRO A 167 -8.03 -0.99 -0.97
C PRO A 167 -8.55 -2.33 -0.46
N LEU A 168 -7.72 -2.98 0.36
CA LEU A 168 -8.12 -4.22 1.01
C LEU A 168 -9.07 -3.87 2.15
N VAL A 169 -10.36 -4.00 1.88
CA VAL A 169 -11.40 -3.86 2.91
C VAL A 169 -12.09 -5.19 3.17
N LEU A 170 -12.54 -5.85 2.09
CA LEU A 170 -13.02 -7.22 2.16
C LEU A 170 -12.34 -8.01 1.06
N ALA A 171 -11.76 -9.14 1.41
CA ALA A 171 -11.19 -10.01 0.39
C ALA A 171 -12.32 -10.76 -0.33
N ASN A 172 -12.01 -11.26 -1.51
CA ASN A 172 -12.93 -12.15 -2.20
C ASN A 172 -13.49 -13.18 -1.21
N PRO A 173 -14.81 -13.32 -1.12
CA PRO A 173 -15.38 -14.17 -0.05
C PRO A 173 -14.93 -15.63 -0.12
N GLU A 174 -14.90 -16.21 -1.32
CA GLU A 174 -14.46 -17.59 -1.46
C GLU A 174 -13.01 -17.73 -1.03
N SER A 175 -12.15 -16.80 -1.45
CA SER A 175 -10.75 -16.85 -1.07
C SER A 175 -10.57 -16.63 0.43
N ALA A 176 -11.38 -15.73 1.02
CA ALA A 176 -11.27 -15.45 2.45
C ALA A 176 -11.52 -16.70 3.29
N THR A 177 -12.48 -17.53 2.88
CA THR A 177 -12.73 -18.77 3.62
C THR A 177 -11.50 -19.67 3.61
N THR A 178 -10.78 -19.70 2.49
CA THR A 178 -9.57 -20.50 2.39
C THR A 178 -8.51 -20.05 3.39
N PHE A 179 -8.22 -18.75 3.42
CA PHE A 179 -7.23 -18.24 4.37
C PHE A 179 -7.68 -18.44 5.80
N LYS A 180 -8.99 -18.41 6.07
CA LYS A 180 -9.47 -18.59 7.42
C LYS A 180 -9.33 -20.03 7.90
N VAL A 181 -9.52 -21.00 7.00
CA VAL A 181 -9.33 -22.39 7.36
C VAL A 181 -7.85 -22.68 7.60
N LEU A 182 -7.00 -22.23 6.66
CA LEU A 182 -5.55 -22.42 6.84
C LEU A 182 -5.06 -21.74 8.10
N ALA A 183 -5.56 -20.52 8.37
CA ALA A 183 -5.18 -19.82 9.59
C ALA A 183 -5.48 -20.67 10.82
N ALA A 184 -6.73 -21.15 10.94
CA ALA A 184 -7.10 -21.95 12.09
C ALA A 184 -6.22 -23.18 12.23
N LYS A 185 -5.75 -23.75 11.11
CA LYS A 185 -4.87 -24.91 11.16
C LYS A 185 -3.51 -24.53 11.72
N VAL A 186 -2.91 -23.46 11.19
CA VAL A 186 -1.59 -23.02 11.66
C VAL A 186 -1.69 -22.44 13.06
N LEU A 187 -2.81 -21.82 13.41
CA LEU A 187 -2.96 -21.29 14.76
C LEU A 187 -3.07 -22.40 15.80
N ASN A 188 -3.39 -23.62 15.38
CA ASN A 188 -3.50 -24.74 16.32
C ASN A 188 -2.24 -25.60 16.40
N SER A 189 -1.38 -25.55 15.40
CA SER A 189 -0.19 -26.40 15.39
CA SER A 189 -0.20 -26.42 15.34
C SER A 189 1.04 -25.57 15.03
N VAL A 190 2.17 -26.23 14.86
CA VAL A 190 3.42 -25.56 14.52
C VAL A 190 3.76 -25.96 13.09
N LEU A 191 3.47 -25.07 12.14
CA LEU A 191 3.72 -25.32 10.72
C LEU A 191 4.28 -24.05 10.12
N PRO A 192 5.57 -23.77 10.36
CA PRO A 192 6.13 -22.48 9.92
C PRO A 192 6.21 -22.30 8.42
N ASN A 193 6.24 -23.37 7.64
CA ASN A 193 6.43 -23.26 6.19
C ASN A 193 5.13 -23.32 5.40
N LEU A 194 3.99 -23.51 6.05
CA LEU A 194 2.74 -23.68 5.32
C LEU A 194 2.40 -22.41 4.55
N SER A 195 1.98 -22.59 3.30
CA SER A 195 1.64 -21.46 2.45
C SER A 195 0.41 -21.81 1.62
N SER A 196 -0.31 -20.78 1.21
CA SER A 196 -1.32 -20.95 0.18
C SER A 196 -0.64 -20.92 -1.19
N GLY A 197 -1.42 -21.06 -2.24
CA GLY A 197 -0.89 -20.95 -3.58
C GLY A 197 -0.60 -19.50 -3.93
N PRO A 198 0.16 -19.28 -4.99
N PRO A 198 0.16 -19.28 -4.99
CA PRO A 198 0.45 -17.90 -5.41
CA PRO A 198 0.45 -17.90 -5.41
C PRO A 198 -0.79 -17.22 -5.96
C PRO A 198 -0.79 -17.22 -5.96
N ILE A 199 -0.74 -15.88 -5.94
CA ILE A 199 -1.81 -15.09 -6.54
C ILE A 199 -1.82 -15.33 -8.05
N ASP A 200 -3.01 -15.59 -8.59
CA ASP A 200 -3.17 -15.80 -10.03
C ASP A 200 -2.98 -14.47 -10.75
N SER A 201 -1.86 -14.32 -11.47
CA SER A 201 -1.54 -13.04 -12.08
CA SER A 201 -1.53 -13.04 -12.09
C SER A 201 -2.58 -12.59 -13.10
N SER A 202 -3.32 -13.53 -13.70
CA SER A 202 -4.29 -13.16 -14.72
C SER A 202 -5.45 -12.32 -14.18
N VAL A 203 -5.71 -12.37 -12.86
CA VAL A 203 -6.79 -11.56 -12.30
C VAL A 203 -6.35 -10.14 -11.96
N LEU A 204 -5.07 -9.82 -12.16
CA LEU A 204 -4.60 -8.50 -11.75
C LEU A 204 -5.12 -7.40 -12.67
N SER A 205 -5.21 -7.67 -13.97
CA SER A 205 -5.50 -6.61 -14.91
C SER A 205 -5.91 -7.23 -16.25
N ARG A 206 -6.87 -6.59 -16.92
CA ARG A 206 -7.19 -7.00 -18.28
C ARG A 206 -6.08 -6.65 -19.26
N ASN A 207 -5.18 -5.76 -18.85
CA ASN A 207 -4.04 -5.35 -19.67
C ASN A 207 -2.99 -6.44 -19.58
N LYS A 208 -2.88 -7.23 -20.65
CA LYS A 208 -1.97 -8.38 -20.61
C LYS A 208 -0.51 -7.95 -20.51
N THR A 209 -0.16 -6.80 -21.09
CA THR A 209 1.21 -6.31 -20.95
C THR A 209 1.56 -6.08 -19.48
N GLU A 210 0.62 -5.50 -18.72
CA GLU A 210 0.89 -5.26 -17.31
C GLU A 210 0.95 -6.56 -16.51
N VAL A 211 0.16 -7.57 -16.86
CA VAL A 211 0.31 -8.88 -16.24
C VAL A 211 1.70 -9.43 -16.51
N ASP A 212 2.16 -9.31 -17.76
CA ASP A 212 3.50 -9.79 -18.12
C ASP A 212 4.60 -9.04 -17.38
N ILE A 213 4.44 -7.73 -17.22
CA ILE A 213 5.40 -6.93 -16.45
C ILE A 213 5.46 -7.40 -15.01
N TYR A 214 4.29 -7.62 -14.40
CA TYR A 214 4.23 -8.14 -13.04
C TYR A 214 5.01 -9.45 -12.92
N ASN A 215 4.83 -10.35 -13.89
CA ASN A 215 5.51 -11.64 -13.85
C ASN A 215 6.99 -11.55 -14.18
N SER A 216 7.48 -10.40 -14.64
CA SER A 216 8.87 -10.23 -15.05
C SER A 216 9.71 -9.47 -14.03
N ASP A 217 9.09 -8.79 -13.06
CA ASP A 217 9.79 -7.88 -12.17
C ASP A 217 10.47 -8.65 -11.04
N PRO A 218 11.81 -8.67 -10.99
CA PRO A 218 12.47 -9.46 -9.93
C PRO A 218 12.27 -8.92 -8.53
N LEU A 219 11.77 -7.69 -8.37
CA LEU A 219 11.51 -7.14 -7.05
C LEU A 219 10.14 -7.54 -6.52
N ILE A 220 9.31 -8.20 -7.33
CA ILE A 220 8.01 -8.67 -6.88
C ILE A 220 8.17 -10.09 -6.35
N CYS A 221 7.56 -10.36 -5.20
CA CYS A 221 7.52 -11.70 -4.63
C CYS A 221 6.24 -12.38 -5.10
N ARG A 222 6.39 -13.42 -5.92
CA ARG A 222 5.26 -14.14 -6.49
C ARG A 222 5.11 -15.54 -5.89
N ALA A 223 5.77 -15.80 -4.77
CA ALA A 223 5.61 -17.07 -4.08
C ALA A 223 4.22 -17.15 -3.46
N GLY A 224 3.85 -18.36 -3.03
CA GLY A 224 2.63 -18.52 -2.28
C GLY A 224 2.64 -17.67 -1.01
N LEU A 225 1.46 -17.26 -0.59
CA LEU A 225 1.33 -16.49 0.64
C LEU A 225 1.56 -17.40 1.83
N LYS A 226 2.58 -17.07 2.63
CA LYS A 226 2.77 -17.80 3.88
C LYS A 226 1.55 -17.59 4.77
N VAL A 227 1.14 -18.66 5.44
CA VAL A 227 -0.08 -18.58 6.25
C VAL A 227 0.06 -17.52 7.35
N CYS A 228 1.27 -17.38 7.91
CA CYS A 228 1.47 -16.36 8.93
CA CYS A 228 1.48 -16.35 8.93
C CYS A 228 1.21 -14.96 8.38
N PHE A 229 1.60 -14.71 7.13
CA PHE A 229 1.33 -13.41 6.55
C PHE A 229 -0.15 -13.27 6.20
N GLY A 230 -0.77 -14.36 5.72
CA GLY A 230 -2.21 -14.32 5.48
C GLY A 230 -3.00 -14.01 6.72
N ILE A 231 -2.52 -14.50 7.87
CA ILE A 231 -3.13 -14.17 9.16
C ILE A 231 -3.04 -12.68 9.43
N GLN A 232 -1.90 -12.07 9.10
CA GLN A 232 -1.76 -10.63 9.30
C GLN A 232 -2.64 -9.84 8.35
N LEU A 233 -2.85 -10.34 7.13
CA LEU A 233 -3.77 -9.70 6.21
C LEU A 233 -5.21 -9.84 6.69
N LEU A 234 -5.55 -10.99 7.29
CA LEU A 234 -6.85 -11.11 7.93
C LEU A 234 -6.97 -10.15 9.11
N ASN A 235 -5.89 -9.96 9.86
CA ASN A 235 -5.90 -8.96 10.92
C ASN A 235 -6.17 -7.58 10.36
N ALA A 236 -5.55 -7.25 9.22
CA ALA A 236 -5.80 -5.95 8.59
C ALA A 236 -7.27 -5.78 8.26
N VAL A 237 -7.90 -6.81 7.70
CA VAL A 237 -9.31 -6.72 7.36
C VAL A 237 -10.15 -6.45 8.60
N SER A 238 -9.87 -7.19 9.68
CA SER A 238 -10.63 -7.01 10.91
CA SER A 238 -10.62 -7.01 10.92
C SER A 238 -10.40 -5.62 11.49
N ARG A 239 -9.15 -5.14 11.46
CA ARG A 239 -8.85 -3.82 12.02
C ARG A 239 -9.45 -2.72 11.18
N VAL A 240 -9.47 -2.89 9.86
CA VAL A 240 -10.09 -1.89 8.98
C VAL A 240 -11.57 -1.74 9.32
N GLU A 241 -12.25 -2.87 9.52
CA GLU A 241 -13.67 -2.81 9.85
C GLU A 241 -13.91 -2.03 11.14
N ARG A 242 -13.08 -2.25 12.16
CA ARG A 242 -13.24 -1.52 13.42
C ARG A 242 -12.87 -0.05 13.26
N ALA A 243 -12.01 0.27 12.28
CA ALA A 243 -11.53 1.64 12.12
C ALA A 243 -12.53 2.54 11.41
N LEU A 244 -13.41 1.98 10.58
CA LEU A 244 -14.29 2.79 9.74
C LEU A 244 -15.08 3.85 10.50
N PRO A 245 -15.70 3.56 11.65
CA PRO A 245 -16.42 4.63 12.38
C PRO A 245 -15.49 5.68 12.96
N LYS A 246 -14.18 5.47 12.96
CA LYS A 246 -13.23 6.49 13.39
C LYS A 246 -12.68 7.28 12.22
N LEU A 247 -12.97 6.85 11.00
CA LEU A 247 -12.36 7.46 9.83
C LEU A 247 -13.15 8.71 9.46
N THR A 248 -12.47 9.85 9.51
CA THR A 248 -13.07 11.11 9.11
C THR A 248 -12.33 11.81 7.98
N VAL A 249 -11.21 11.23 7.52
CA VAL A 249 -10.36 11.88 6.54
C VAL A 249 -11.09 11.96 5.20
N PRO A 250 -10.95 13.04 4.43
CA PRO A 250 -11.47 13.04 3.06
C PRO A 250 -10.86 11.92 2.25
N PHE A 251 -11.67 11.25 1.42
CA PHE A 251 -11.08 10.22 0.59
C PHE A 251 -11.76 10.11 -0.76
N LEU A 252 -10.96 9.67 -1.73
CA LEU A 252 -11.41 9.23 -3.05
C LEU A 252 -11.14 7.74 -3.13
N LEU A 253 -12.14 6.98 -3.55
CA LEU A 253 -12.10 5.52 -3.56
C LEU A 253 -12.39 5.06 -4.97
N LEU A 254 -11.44 4.32 -5.57
CA LEU A 254 -11.55 3.82 -6.93
C LEU A 254 -11.57 2.30 -6.86
N GLN A 255 -12.52 1.68 -7.55
CA GLN A 255 -12.77 0.24 -7.38
C GLN A 255 -13.24 -0.35 -8.70
N GLY A 256 -12.66 -1.47 -9.12
CA GLY A 256 -13.16 -2.21 -10.26
C GLY A 256 -14.28 -3.16 -9.87
N SER A 257 -15.27 -3.27 -10.75
CA SER A 257 -16.42 -4.11 -10.44
C SER A 257 -16.11 -5.59 -10.55
N ALA A 258 -15.03 -5.97 -11.26
CA ALA A 258 -14.68 -7.36 -11.48
C ALA A 258 -13.38 -7.73 -10.75
N ASP A 259 -13.16 -7.11 -9.60
CA ASP A 259 -11.97 -7.33 -8.80
C ASP A 259 -12.11 -8.65 -8.05
N ARG A 260 -11.26 -9.62 -8.37
CA ARG A 260 -11.31 -10.94 -7.74
C ARG A 260 -10.45 -11.04 -6.49
N LEU A 261 -9.78 -9.96 -6.09
CA LEU A 261 -8.92 -9.97 -4.91
C LEU A 261 -9.52 -9.13 -3.78
N CYS A 262 -9.74 -7.84 -4.03
CA CYS A 262 -10.39 -6.97 -3.07
C CYS A 262 -11.81 -6.79 -3.56
N ASP A 263 -12.75 -7.45 -2.89
CA ASP A 263 -14.12 -7.51 -3.37
C ASP A 263 -14.75 -6.12 -3.34
N SER A 264 -15.52 -5.81 -4.40
CA SER A 264 -16.14 -4.50 -4.49
CA SER A 264 -16.15 -4.50 -4.50
C SER A 264 -17.09 -4.24 -3.33
N LYS A 265 -17.63 -5.29 -2.70
CA LYS A 265 -18.48 -5.10 -1.54
C LYS A 265 -17.75 -4.34 -0.43
N GLY A 266 -16.43 -4.52 -0.34
CA GLY A 266 -15.66 -3.77 0.65
C GLY A 266 -15.65 -2.28 0.35
N ALA A 267 -15.61 -1.91 -0.93
CA ALA A 267 -15.63 -0.49 -1.29
C ALA A 267 -16.96 0.13 -0.93
N TYR A 268 -18.07 -0.57 -1.19
CA TYR A 268 -19.37 -0.05 -0.81
C TYR A 268 -19.51 0.06 0.70
N LEU A 269 -18.95 -0.92 1.44
CA LEU A 269 -18.98 -0.89 2.90
C LEU A 269 -18.21 0.31 3.44
N LEU A 270 -17.05 0.61 2.84
CA LEU A 270 -16.27 1.76 3.24
C LEU A 270 -17.04 3.06 3.02
N MET A 271 -17.70 3.19 1.86
CA MET A 271 -18.53 4.37 1.62
C MET A 271 -19.64 4.49 2.64
N GLU A 272 -20.21 3.36 3.05
CA GLU A 272 -21.34 3.43 3.97
C GLU A 272 -20.89 3.70 5.40
N LEU A 273 -19.79 3.09 5.84
CA LEU A 273 -19.49 3.08 7.26
C LEU A 273 -18.50 4.15 7.70
N ALA A 274 -17.67 4.67 6.79
CA ALA A 274 -16.78 5.75 7.17
C ALA A 274 -17.59 6.99 7.55
N LYS A 275 -17.08 7.75 8.51
CA LYS A 275 -17.78 8.95 8.94
C LYS A 275 -17.38 10.20 8.15
N SER A 276 -16.40 10.07 7.25
CA SER A 276 -15.87 11.19 6.48
C SER A 276 -16.98 12.02 5.83
N GLN A 277 -16.91 13.33 6.00
CA GLN A 277 -17.85 14.22 5.33
C GLN A 277 -17.54 14.39 3.85
N ASP A 278 -16.33 14.02 3.40
CA ASP A 278 -15.90 14.19 2.01
C ASP A 278 -15.48 12.82 1.51
N LYS A 279 -16.41 12.07 0.92
CA LYS A 279 -16.10 10.73 0.41
C LYS A 279 -16.74 10.50 -0.94
N THR A 280 -15.95 9.97 -1.87
CA THR A 280 -16.34 9.79 -3.26
C THR A 280 -15.90 8.41 -3.71
N LEU A 281 -16.80 7.72 -4.39
CA LEU A 281 -16.55 6.40 -4.97
C LEU A 281 -16.70 6.47 -6.48
N LYS A 282 -15.73 5.92 -7.20
CA LYS A 282 -15.85 5.72 -8.64
C LYS A 282 -15.67 4.24 -8.92
N ILE A 283 -16.65 3.64 -9.58
CA ILE A 283 -16.62 2.22 -9.95
C ILE A 283 -16.22 2.13 -11.42
N TYR A 284 -15.28 1.24 -11.73
CA TYR A 284 -14.86 0.98 -13.10
C TYR A 284 -15.46 -0.35 -13.55
N GLU A 285 -16.47 -0.26 -14.42
CA GLU A 285 -17.27 -1.42 -14.78
C GLU A 285 -16.45 -2.41 -15.59
N GLY A 286 -16.33 -3.64 -15.07
CA GLY A 286 -15.57 -4.69 -15.72
C GLY A 286 -14.09 -4.71 -15.41
N ALA A 287 -13.58 -3.70 -14.72
CA ALA A 287 -12.13 -3.62 -14.49
C ALA A 287 -11.71 -4.59 -13.38
N TYR A 288 -10.45 -5.02 -13.47
CA TYR A 288 -9.89 -5.93 -12.49
C TYR A 288 -9.25 -5.17 -11.34
N HIS A 289 -8.23 -5.74 -10.70
CA HIS A 289 -7.75 -5.24 -9.42
C HIS A 289 -6.82 -4.03 -9.55
N VAL A 290 -5.83 -4.08 -10.44
CA VAL A 290 -4.75 -3.07 -10.42
C VAL A 290 -5.18 -1.96 -11.37
N LEU A 291 -6.01 -1.03 -10.84
CA LEU A 291 -6.68 -0.06 -11.70
C LEU A 291 -5.73 0.91 -12.37
N HIS A 292 -4.60 1.25 -11.71
CA HIS A 292 -3.62 2.15 -12.30
C HIS A 292 -2.71 1.45 -13.30
N LYS A 293 -2.95 0.15 -13.56
CA LYS A 293 -2.22 -0.63 -14.57
C LYS A 293 -3.20 -1.48 -15.34
N GLU A 294 -4.36 -0.90 -15.68
CA GLU A 294 -5.46 -1.60 -16.33
C GLU A 294 -5.46 -1.24 -17.82
N LEU A 295 -6.57 -1.49 -18.50
CA LEU A 295 -6.67 -1.07 -19.89
C LEU A 295 -6.48 0.44 -19.97
N PRO A 296 -5.90 0.95 -21.06
CA PRO A 296 -5.61 2.39 -21.15
C PRO A 296 -6.78 3.29 -20.84
N GLU A 297 -7.99 2.94 -21.29
CA GLU A 297 -9.15 3.78 -20.99
C GLU A 297 -9.37 3.92 -19.48
N VAL A 298 -9.14 2.85 -18.73
CA VAL A 298 -9.31 2.88 -17.28
C VAL A 298 -8.16 3.61 -16.61
N THR A 299 -6.92 3.25 -16.97
CA THR A 299 -5.76 3.88 -16.36
C THR A 299 -5.75 5.39 -16.58
N ASN A 300 -6.04 5.83 -17.81
CA ASN A 300 -6.05 7.27 -18.08
C ASN A 300 -7.08 7.97 -17.21
N SER A 301 -8.24 7.34 -17.01
CA SER A 301 -9.27 7.93 -16.16
C SER A 301 -8.84 7.95 -14.71
N VAL A 302 -8.23 6.86 -14.24
CA VAL A 302 -7.73 6.80 -12.86
C VAL A 302 -6.75 7.95 -12.60
N PHE A 303 -5.79 8.14 -13.50
CA PHE A 303 -4.83 9.23 -13.34
C PHE A 303 -5.54 10.58 -13.35
N HIS A 304 -6.47 10.76 -14.29
CA HIS A 304 -7.18 12.04 -14.41
C HIS A 304 -8.00 12.34 -13.16
N GLU A 305 -8.70 11.33 -12.63
CA GLU A 305 -9.57 11.56 -11.48
C GLU A 305 -8.76 11.84 -10.22
N ILE A 306 -7.62 11.17 -10.05
CA ILE A 306 -6.75 11.47 -8.92
C ILE A 306 -6.19 12.88 -9.06
N ASN A 307 -5.80 13.24 -10.28
CA ASN A 307 -5.34 14.60 -10.56
C ASN A 307 -6.39 15.63 -10.14
N MET A 308 -7.62 15.48 -10.62
CA MET A 308 -8.67 16.44 -10.28
C MET A 308 -8.92 16.50 -8.78
N TRP A 309 -9.00 15.33 -8.14
CA TRP A 309 -9.36 15.27 -6.72
C TRP A 309 -8.30 15.92 -5.84
N VAL A 310 -7.02 15.64 -6.13
CA VAL A 310 -5.94 16.24 -5.36
C VAL A 310 -5.80 17.73 -5.70
N SER A 311 -5.99 18.09 -6.98
CA SER A 311 -5.89 19.50 -7.36
C SER A 311 -6.93 20.34 -6.61
N GLN A 312 -8.16 19.82 -6.51
CA GLN A 312 -9.23 20.57 -5.85
C GLN A 312 -8.98 20.73 -4.36
N ARG A 313 -8.15 19.87 -3.77
CA ARG A 313 -7.92 19.87 -2.33
C ARG A 313 -6.54 20.39 -1.95
N THR A 314 -5.80 20.91 -2.93
CA THR A 314 -4.53 21.59 -2.67
C THR A 314 -4.47 22.99 -3.23
N ALA A 315 -5.48 23.42 -4.00
CA ALA A 315 -5.53 24.77 -4.55
C ALA A 315 -5.72 25.81 -3.43
C7 A1IG3 B . -5.88 -12.31 -1.44
C8 A1IG3 B . -5.32 -13.39 -2.09
N2 A1IG3 B . -3.15 -7.90 -2.04
C9 A1IG3 B . -6.08 -14.17 -2.95
C1 A1IG3 B . -2.29 -6.94 -2.47
C5 A1IG3 B . -4.88 -9.98 -0.96
C6 A1IG3 B . -5.05 -11.45 -0.50
C4 A1IG3 B . -3.86 -9.24 -0.10
C3 A1IG3 B . -3.59 -7.84 -0.65
C10 A1IG3 B . -7.40 -13.87 -3.17
C11 A1IG3 B . -7.97 -12.79 -2.54
C12 A1IG3 B . -7.22 -12.01 -1.67
C13 A1IG3 B . -5.51 -11.61 0.94
C14 A1IG3 B . -6.47 -10.76 1.50
C15 A1IG3 B . -6.92 -10.96 2.79
C16 A1IG3 B . -6.44 -12.01 3.54
C17 A1IG3 B . -5.50 -12.85 3.02
C18 A1IG3 B . -5.02 -12.66 1.72
C19 A1IG3 B . -4.43 -9.97 -2.43
C20 A1IG3 B . -4.19 -8.53 -2.87
C23 A1IG3 B . -1.26 -5.99 -4.49
C24 A1IG3 B . -1.69 -6.07 -5.94
C25 A1IG3 B . -1.22 -7.37 -6.57
C26 A1IG3 B . -1.63 -8.56 -5.73
C27 A1IG3 B . -1.26 -8.38 -4.26
C29 A1IG3 B . 0.60 -6.36 -7.67
C30 A1IG3 B . -0.13 -5.05 -7.59
N22 A1IG3 B . -1.83 -7.12 -3.74
N31 A1IG3 B . -1.15 -4.96 -6.73
O21 A1IG3 B . -1.96 -6.00 -1.77
O28 A1IG3 B . 0.20 -7.33 -6.72
O32 A1IG3 B . 0.16 -4.13 -8.34
C1 EDO C . 10.57 0.11 -10.92
O1 EDO C . 11.55 -0.45 -10.07
C2 EDO C . 9.62 -0.97 -11.38
O2 EDO C . 10.24 -1.82 -12.31
C1 EDO D . 11.86 -8.82 -3.42
O1 EDO D . 13.01 -9.28 -2.76
C2 EDO D . 11.30 -9.96 -4.26
O2 EDO D . 10.96 -11.05 -3.44
C1 EDO E . -6.20 -9.55 15.78
O1 EDO E . -5.04 -8.99 16.33
C2 EDO E . -6.85 -8.56 14.85
O2 EDO E . -6.97 -7.32 15.49
#